data_5DCV
#
_entry.id   5DCV
#
_cell.length_a   59.090
_cell.length_b   79.170
_cell.length_c   98.470
_cell.angle_alpha   90.00
_cell.angle_beta   107.40
_cell.angle_gamma   90.00
#
_symmetry.space_group_name_H-M   'P 1 21 1'
#
loop_
_entity.id
_entity.type
_entity.pdbx_description
1 polymer '50S ribosomal protein L7Ae'
2 polymer 'RNA (47-MER)'
#
loop_
_entity_poly.entity_id
_entity_poly.type
_entity_poly.pdbx_seq_one_letter_code
_entity_poly.pdbx_strand_id
1 'polypeptide(L)'
;MMAKPSYVKFEVPKELAEKALQAVEIARDTGKIRKGTNETTKAVERGQAKLVIIAEDVDPEEIVAHLPPLCEEKEIPYIY
VPSKKELGAAAGIEVAAASVAIIEPGKARDLVEEIAMKVRELMKLEHHHHHH
;
A,C
2 'polyribonucleotide' (GTP)GUAUGGUGGAUGAAAGCGGUGAAGGGAAACCGAGUUAACCCGCCUAAGCC B,D
#
loop_
_chem_comp.id
_chem_comp.type
_chem_comp.name
_chem_comp.formula
A RNA linking ADENOSINE-5'-MONOPHOSPHATE 'C10 H14 N5 O7 P'
C RNA linking CYTIDINE-5'-MONOPHOSPHATE 'C9 H14 N3 O8 P'
G RNA linking GUANOSINE-5'-MONOPHOSPHATE 'C10 H14 N5 O8 P'
GTP non-polymer GUANOSINE-5'-TRIPHOSPHATE 'C10 H16 N5 O14 P3'
U RNA linking URIDINE-5'-MONOPHOSPHATE 'C9 H13 N2 O9 P'
#
# COMPACT_ATOMS: atom_id res chain seq x y z
N TYR A 7 15.79 4.95 -30.46
CA TYR A 7 14.49 4.34 -30.26
C TYR A 7 13.38 5.37 -30.19
N VAL A 8 13.77 6.64 -30.17
CA VAL A 8 12.80 7.70 -30.03
C VAL A 8 12.16 7.95 -31.39
N LYS A 9 10.95 7.45 -31.55
CA LYS A 9 10.30 7.46 -32.86
C LYS A 9 9.60 8.79 -33.14
N PHE A 10 8.99 9.38 -32.12
CA PHE A 10 8.24 10.61 -32.30
C PHE A 10 8.44 11.55 -31.11
N GLU A 11 8.43 12.85 -31.36
CA GLU A 11 8.56 13.84 -30.29
C GLU A 11 7.27 13.96 -29.48
N VAL A 12 7.42 14.19 -28.18
CA VAL A 12 6.27 14.26 -27.30
C VAL A 12 6.33 15.51 -26.43
N PRO A 13 5.17 16.10 -26.11
CA PRO A 13 5.14 17.19 -25.15
C PRO A 13 5.57 16.68 -23.77
N LYS A 14 6.22 17.51 -22.98
CA LYS A 14 6.65 17.09 -21.66
C LYS A 14 5.48 17.12 -20.66
N GLU A 15 4.52 18.01 -20.89
CA GLU A 15 3.32 18.09 -20.06
C GLU A 15 2.40 16.89 -20.31
N LEU A 16 2.38 16.43 -21.55
CA LEU A 16 1.60 15.26 -21.92
C LEU A 16 2.28 14.00 -21.39
N ALA A 17 3.61 14.04 -21.35
CA ALA A 17 4.40 12.99 -20.73
C ALA A 17 4.08 12.95 -19.24
N GLU A 18 3.82 14.11 -18.66
CA GLU A 18 3.43 14.21 -17.24
C GLU A 18 2.04 13.62 -17.02
N LYS A 19 1.12 13.88 -17.95
CA LYS A 19 -0.22 13.31 -17.85
C LYS A 19 -0.11 11.78 -17.92
N ALA A 20 0.82 11.30 -18.74
CA ALA A 20 1.08 9.88 -18.86
C ALA A 20 1.67 9.30 -17.57
N LEU A 21 2.55 10.07 -16.94
CA LEU A 21 3.21 9.65 -15.71
C LEU A 21 2.20 9.51 -14.58
N GLN A 22 1.32 10.50 -14.48
CA GLN A 22 0.25 10.46 -13.50
C GLN A 22 -0.68 9.29 -13.81
N ALA A 23 -0.81 8.97 -15.10
CA ALA A 23 -1.58 7.79 -15.49
C ALA A 23 -0.93 6.50 -14.98
N VAL A 24 0.41 6.47 -14.98
CA VAL A 24 1.16 5.32 -14.47
C VAL A 24 1.06 5.22 -12.95
N GLU A 25 0.96 6.36 -12.28
CA GLU A 25 0.77 6.36 -10.84
C GLU A 25 -0.63 5.81 -10.50
N ILE A 26 -1.65 6.38 -11.13
CA ILE A 26 -3.04 5.97 -10.89
C ILE A 26 -3.28 4.51 -11.26
N ALA A 27 -2.68 4.09 -12.36
CA ALA A 27 -2.75 2.70 -12.79
C ALA A 27 -1.95 1.81 -11.85
N ARG A 28 -0.91 2.37 -11.25
CA ARG A 28 -0.12 1.60 -10.29
C ARG A 28 -0.93 1.29 -9.05
N ASP A 29 -1.66 2.29 -8.57
CA ASP A 29 -2.42 2.16 -7.34
C ASP A 29 -3.73 1.39 -7.51
N THR A 30 -4.46 1.69 -8.59
CA THR A 30 -5.80 1.13 -8.76
C THR A 30 -5.88 -0.16 -9.59
N GLY A 31 -4.77 -0.53 -10.20
CA GLY A 31 -4.75 -1.67 -11.09
C GLY A 31 -3.34 -2.24 -11.20
N LYS A 32 -3.15 -3.18 -12.11
CA LYS A 32 -1.86 -3.84 -12.34
C LYS A 32 -0.99 -3.14 -13.40
N ILE A 33 0.33 -3.14 -13.18
CA ILE A 33 1.32 -2.64 -14.13
C ILE A 33 2.62 -3.46 -14.03
N ARG A 34 3.51 -3.27 -15.00
CA ARG A 34 4.84 -3.88 -14.97
C ARG A 34 5.90 -2.80 -15.23
N LYS A 35 7.14 -3.04 -14.80
CA LYS A 35 8.14 -1.97 -14.79
C LYS A 35 9.56 -2.49 -15.03
N GLY A 36 10.33 -1.77 -15.85
CA GLY A 36 11.64 -2.22 -16.33
C GLY A 36 11.53 -2.98 -17.64
N THR A 37 12.55 -2.93 -18.51
CA THR A 37 12.42 -3.47 -19.89
C THR A 37 12.00 -4.92 -19.93
N ASN A 38 12.51 -5.75 -19.03
CA ASN A 38 12.20 -7.17 -19.07
C ASN A 38 10.69 -7.40 -18.89
N GLU A 39 10.17 -7.00 -17.73
CA GLU A 39 8.76 -7.18 -17.42
C GLU A 39 7.87 -6.55 -18.47
N THR A 40 8.29 -5.39 -18.98
CA THR A 40 7.41 -4.60 -19.84
C THR A 40 7.39 -5.15 -21.30
N THR A 41 8.53 -5.61 -21.82
CA THR A 41 8.53 -6.25 -23.15
C THR A 41 7.80 -7.57 -23.04
N LYS A 42 8.01 -8.29 -21.94
CA LYS A 42 7.24 -9.52 -21.76
C LYS A 42 5.73 -9.17 -21.71
N ALA A 43 5.39 -8.00 -21.18
CA ALA A 43 3.99 -7.61 -21.14
C ALA A 43 3.45 -7.33 -22.53
N VAL A 44 4.29 -6.78 -23.40
CA VAL A 44 3.86 -6.56 -24.79
C VAL A 44 3.69 -7.89 -25.54
N GLU A 45 4.72 -8.73 -25.49
CA GLU A 45 4.76 -10.02 -26.20
C GLU A 45 3.59 -10.92 -25.87
N ARG A 46 3.07 -10.77 -24.65
CA ARG A 46 1.91 -11.53 -24.21
C ARG A 46 0.62 -10.73 -24.43
N GLY A 47 0.77 -9.52 -24.96
CA GLY A 47 -0.37 -8.68 -25.31
C GLY A 47 -1.16 -8.18 -24.12
N GLN A 48 -0.58 -8.31 -22.93
CA GLN A 48 -1.21 -7.81 -21.71
C GLN A 48 -1.03 -6.30 -21.61
N ALA A 49 -0.09 -5.76 -22.38
CA ALA A 49 0.21 -4.34 -22.31
C ALA A 49 -0.92 -3.48 -22.86
N LYS A 50 -1.54 -2.69 -21.99
CA LYS A 50 -2.57 -1.78 -22.47
C LYS A 50 -1.92 -0.44 -22.73
N LEU A 51 -0.74 -0.18 -22.15
CA LEU A 51 0.05 1.00 -22.57
C LEU A 51 1.54 0.88 -22.24
N VAL A 52 2.39 1.41 -23.10
CA VAL A 52 3.81 1.33 -22.88
C VAL A 52 4.42 2.71 -22.65
N ILE A 53 5.14 2.84 -21.55
CA ILE A 53 5.74 4.09 -21.15
C ILE A 53 7.25 3.93 -21.20
N ILE A 54 7.87 4.59 -22.15
CA ILE A 54 9.32 4.58 -22.32
C ILE A 54 9.91 5.88 -21.80
N ALA A 55 11.12 5.83 -21.28
CA ALA A 55 11.83 7.06 -20.91
C ALA A 55 13.00 7.23 -21.86
N GLU A 56 13.24 8.46 -22.30
CA GLU A 56 14.21 8.67 -23.35
C GLU A 56 15.67 8.75 -22.85
N ASP A 57 15.90 9.05 -21.57
CA ASP A 57 17.29 9.11 -21.11
C ASP A 57 17.75 7.70 -20.75
N VAL A 58 18.34 7.05 -21.74
CA VAL A 58 18.77 5.67 -21.61
C VAL A 58 20.10 5.41 -22.33
N ASP A 59 21.12 5.03 -21.57
CA ASP A 59 22.37 4.52 -22.15
C ASP A 59 22.66 3.16 -21.56
N PRO A 60 22.95 2.15 -22.40
CA PRO A 60 22.92 2.14 -23.87
C PRO A 60 21.53 2.32 -24.44
N GLU A 61 21.44 2.97 -25.60
CA GLU A 61 20.17 3.23 -26.25
C GLU A 61 19.50 1.87 -26.54
N GLU A 62 20.32 0.93 -27.02
CA GLU A 62 19.86 -0.35 -27.55
C GLU A 62 18.99 -1.15 -26.59
N ILE A 63 19.22 -1.00 -25.28
CA ILE A 63 18.50 -1.79 -24.29
C ILE A 63 17.00 -1.52 -24.35
N VAL A 64 16.64 -0.31 -24.80
CA VAL A 64 15.22 -0.03 -24.98
C VAL A 64 14.79 -0.14 -26.44
N ALA A 65 15.77 -0.12 -27.35
CA ALA A 65 15.50 0.12 -28.78
C ALA A 65 14.55 -0.91 -29.39
N HIS A 66 14.56 -2.12 -28.87
CA HIS A 66 13.77 -3.19 -29.47
C HIS A 66 12.29 -3.04 -29.19
N LEU A 67 11.94 -2.40 -28.07
CA LEU A 67 10.54 -2.38 -27.63
C LEU A 67 9.58 -1.46 -28.42
N PRO A 68 10.00 -0.23 -28.80
CA PRO A 68 9.00 0.58 -29.51
C PRO A 68 8.44 0.00 -30.84
N PRO A 69 9.28 -0.59 -31.72
CA PRO A 69 8.64 -1.14 -32.93
C PRO A 69 7.62 -2.22 -32.61
N LEU A 70 7.94 -3.09 -31.67
CA LEU A 70 7.00 -4.12 -31.24
C LEU A 70 5.67 -3.51 -30.80
N CYS A 71 5.72 -2.32 -30.18
CA CYS A 71 4.48 -1.66 -29.76
C CYS A 71 3.58 -1.34 -30.94
N GLU A 72 4.16 -0.92 -32.05
CA GLU A 72 3.33 -0.68 -33.22
C GLU A 72 3.10 -2.02 -33.92
N GLU A 73 4.00 -2.97 -33.69
CA GLU A 73 3.91 -4.26 -34.38
C GLU A 73 2.78 -5.11 -33.78
N LYS A 74 2.57 -4.98 -32.47
CA LYS A 74 1.46 -5.67 -31.80
C LYS A 74 0.30 -4.70 -31.54
N GLU A 75 0.44 -3.49 -32.08
CA GLU A 75 -0.57 -2.43 -31.96
C GLU A 75 -0.84 -2.05 -30.50
N ILE A 76 0.23 -1.82 -29.75
CA ILE A 76 0.10 -1.35 -28.37
C ILE A 76 0.64 0.07 -28.30
N PRO A 77 -0.17 1.00 -27.79
CA PRO A 77 0.29 2.40 -27.69
C PRO A 77 1.56 2.57 -26.83
N TYR A 78 2.43 3.52 -27.22
CA TYR A 78 3.68 3.77 -26.50
C TYR A 78 3.99 5.26 -26.43
N ILE A 79 4.63 5.69 -25.36
CA ILE A 79 4.83 7.11 -25.12
C ILE A 79 6.20 7.37 -24.47
N TYR A 80 6.70 8.60 -24.53
CA TYR A 80 7.98 8.90 -23.91
C TYR A 80 7.82 9.86 -22.73
N VAL A 81 8.73 9.69 -21.77
CA VAL A 81 8.75 10.47 -20.55
C VAL A 81 10.19 10.91 -20.35
N PRO A 82 10.39 12.15 -19.86
CA PRO A 82 11.73 12.73 -19.85
C PRO A 82 12.80 11.94 -19.07
N SER A 83 12.51 11.47 -17.87
CA SER A 83 13.56 10.84 -17.08
C SER A 83 13.09 9.53 -16.50
N LYS A 84 13.89 8.50 -16.73
CA LYS A 84 13.58 7.16 -16.24
C LYS A 84 13.51 7.15 -14.73
N LYS A 85 14.27 8.03 -14.08
CA LYS A 85 14.23 8.10 -12.63
C LYS A 85 12.88 8.57 -12.14
N GLU A 86 12.37 9.62 -12.78
CA GLU A 86 11.09 10.18 -12.36
C GLU A 86 9.97 9.16 -12.56
N LEU A 87 10.11 8.34 -13.59
CA LEU A 87 9.09 7.34 -13.85
C LEU A 87 9.23 6.17 -12.87
N GLY A 88 10.46 5.84 -12.50
CA GLY A 88 10.71 4.77 -11.54
C GLY A 88 10.10 5.14 -10.20
N ALA A 89 10.19 6.42 -9.87
CA ALA A 89 9.52 6.95 -8.69
C ALA A 89 8.00 6.91 -8.87
N ALA A 90 7.53 7.18 -10.09
CA ALA A 90 6.11 7.08 -10.40
C ALA A 90 5.65 5.63 -10.47
N ALA A 91 6.58 4.74 -10.79
CA ALA A 91 6.29 3.32 -10.88
C ALA A 91 6.34 2.68 -9.50
N GLY A 92 6.71 3.47 -8.50
CA GLY A 92 6.79 2.99 -7.14
C GLY A 92 8.00 2.12 -6.87
N ILE A 93 9.14 2.45 -7.47
CA ILE A 93 10.40 1.76 -7.14
C ILE A 93 11.55 2.74 -6.80
N GLU A 94 12.61 2.20 -6.21
CA GLU A 94 13.76 3.01 -5.78
C GLU A 94 14.81 3.16 -6.87
N VAL A 95 14.55 2.58 -8.03
CA VAL A 95 15.51 2.61 -9.13
C VAL A 95 14.87 3.26 -10.35
N ALA A 96 15.68 3.94 -11.14
CA ALA A 96 15.24 4.44 -12.42
C ALA A 96 14.79 3.24 -13.25
N ALA A 97 13.69 3.39 -13.96
CA ALA A 97 13.14 2.31 -14.79
C ALA A 97 13.00 2.80 -16.22
N ALA A 98 13.73 2.21 -17.16
CA ALA A 98 13.71 2.72 -18.55
C ALA A 98 12.36 2.62 -19.23
N SER A 99 11.60 1.58 -18.88
CA SER A 99 10.34 1.30 -19.53
C SER A 99 9.36 0.59 -18.59
N VAL A 100 8.07 0.86 -18.81
CA VAL A 100 6.99 0.42 -17.94
C VAL A 100 5.80 0.11 -18.84
N ALA A 101 4.89 -0.72 -18.37
CA ALA A 101 3.67 -1.05 -19.11
C ALA A 101 2.50 -1.06 -18.15
N ILE A 102 1.40 -0.46 -18.57
CA ILE A 102 0.15 -0.60 -17.87
C ILE A 102 -0.61 -1.78 -18.47
N ILE A 103 -0.91 -2.75 -17.61
CA ILE A 103 -1.70 -3.91 -17.96
C ILE A 103 -3.15 -3.67 -17.61
N GLU A 104 -3.36 -3.42 -16.33
CA GLU A 104 -4.68 -3.12 -15.77
C GLU A 104 -4.68 -1.66 -15.37
N PRO A 105 -5.31 -0.83 -16.21
CA PRO A 105 -5.30 0.64 -16.10
C PRO A 105 -5.89 1.10 -14.78
N GLY A 106 -6.84 0.32 -14.25
CA GLY A 106 -7.55 0.70 -13.05
C GLY A 106 -8.33 1.97 -13.31
N LYS A 107 -8.44 2.82 -12.29
CA LYS A 107 -9.23 4.04 -12.43
C LYS A 107 -8.65 4.96 -13.50
N ALA A 108 -7.41 4.72 -13.89
CA ALA A 108 -6.77 5.51 -14.93
C ALA A 108 -7.33 5.25 -16.34
N ARG A 109 -8.07 4.15 -16.50
CA ARG A 109 -8.40 3.63 -17.83
C ARG A 109 -8.85 4.67 -18.86
N ASP A 110 -9.96 5.34 -18.60
CA ASP A 110 -10.48 6.33 -19.54
C ASP A 110 -9.38 7.31 -19.95
N LEU A 111 -8.66 7.83 -18.96
CA LEU A 111 -7.64 8.84 -19.19
C LEU A 111 -6.62 8.28 -20.17
N VAL A 112 -6.20 7.04 -19.95
CA VAL A 112 -5.12 6.49 -20.76
C VAL A 112 -5.63 6.40 -22.19
N GLU A 113 -6.92 6.07 -22.37
CA GLU A 113 -7.49 5.98 -23.71
C GLU A 113 -7.26 7.31 -24.39
N GLU A 114 -7.58 8.39 -23.67
CA GLU A 114 -7.45 9.72 -24.22
C GLU A 114 -5.99 10.00 -24.58
N ILE A 115 -5.08 9.63 -23.69
CA ILE A 115 -3.68 9.95 -23.96
C ILE A 115 -3.21 9.06 -25.09
N ALA A 116 -3.81 7.88 -25.18
CA ALA A 116 -3.47 6.98 -26.28
C ALA A 116 -3.82 7.66 -27.59
N MET A 117 -4.92 8.41 -27.58
CA MET A 117 -5.38 9.09 -28.79
C MET A 117 -4.26 10.00 -29.30
N LYS A 118 -3.47 10.55 -28.39
CA LYS A 118 -2.43 11.47 -28.82
C LYS A 118 -1.41 10.79 -29.73
N VAL A 119 -1.03 9.56 -29.42
CA VAL A 119 -0.04 8.88 -30.26
C VAL A 119 -0.67 8.58 -31.62
N ARG A 120 -2.00 8.39 -31.64
CA ARG A 120 -2.72 8.13 -32.88
C ARG A 120 -2.51 9.32 -33.81
N GLU A 121 -2.36 10.49 -33.19
CA GLU A 121 -2.12 11.73 -33.90
C GLU A 121 -0.64 11.90 -34.20
N LEU A 122 0.20 11.41 -33.28
CA LEU A 122 1.64 11.61 -33.34
C LEU A 122 2.28 10.97 -34.58
N MET A 123 1.55 10.11 -35.26
CA MET A 123 2.05 9.44 -36.45
C MET A 123 2.35 10.41 -37.60
N LYS A 124 3.25 10.00 -38.49
CA LYS A 124 3.73 10.81 -39.61
C LYS A 124 4.45 12.07 -39.12
PG GTP B 1 18.56 -34.14 32.30
O1G GTP B 1 18.77 -35.26 31.29
O2G GTP B 1 18.75 -34.68 33.68
O3G GTP B 1 17.17 -33.57 32.19
O3B GTP B 1 19.66 -33.00 32.02
PB GTP B 1 19.67 -32.09 30.67
O1B GTP B 1 20.09 -32.89 29.47
O2B GTP B 1 18.33 -31.41 30.45
O3A GTP B 1 20.76 -30.95 31.00
PA GTP B 1 21.61 -30.32 29.79
O1A GTP B 1 22.42 -31.39 29.11
O2A GTP B 1 20.69 -29.63 28.83
O5' GTP B 1 22.63 -29.29 30.51
C5' GTP B 1 23.95 -29.75 30.50
C4' GTP B 1 25.05 -28.91 31.14
O4' GTP B 1 26.13 -29.82 31.06
C3' GTP B 1 25.46 -27.69 30.36
O3' GTP B 1 25.35 -26.52 31.11
C2' GTP B 1 26.93 -27.86 30.07
O2' GTP B 1 27.69 -27.10 30.98
C1' GTP B 1 27.19 -29.33 30.28
N9 GTP B 1 27.14 -30.02 28.98
C8 GTP B 1 26.21 -30.93 28.58
N7 GTP B 1 26.48 -31.34 27.32
C5 GTP B 1 27.59 -30.69 26.91
C6 GTP B 1 28.31 -30.73 25.73
O6 GTP B 1 27.95 -31.46 24.80
N1 GTP B 1 29.44 -29.95 25.58
C2 GTP B 1 29.85 -29.13 26.62
N2 GTP B 1 30.94 -28.37 26.47
N3 GTP B 1 29.13 -29.10 27.80
C4 GTP B 1 28.02 -29.86 27.94
N TYR C 7 -11.19 -12.76 30.13
CA TYR C 7 -9.99 -11.93 29.97
C TYR C 7 -10.32 -10.45 30.00
N VAL C 8 -11.61 -10.16 30.02
CA VAL C 8 -12.07 -8.78 29.99
C VAL C 8 -11.98 -8.20 31.39
N LYS C 9 -10.96 -7.38 31.61
CA LYS C 9 -10.66 -6.87 32.95
C LYS C 9 -11.56 -5.71 33.30
N PHE C 10 -11.90 -4.91 32.29
CA PHE C 10 -12.73 -3.74 32.53
C PHE C 10 -13.70 -3.53 31.37
N GLU C 11 -14.87 -2.96 31.71
CA GLU C 11 -15.90 -2.65 30.73
C GLU C 11 -15.46 -1.44 29.90
N VAL C 12 -15.83 -1.44 28.62
CA VAL C 12 -15.34 -0.40 27.71
C VAL C 12 -16.46 0.30 26.92
N PRO C 13 -16.26 1.59 26.62
CA PRO C 13 -17.14 2.30 25.69
C PRO C 13 -16.94 1.74 24.29
N LYS C 14 -17.99 1.63 23.48
CA LYS C 14 -17.82 1.08 22.15
C LYS C 14 -17.25 2.12 21.19
N GLU C 15 -17.56 3.39 21.43
CA GLU C 15 -17.07 4.47 20.58
C GLU C 15 -15.57 4.69 20.75
N LEU C 16 -15.09 4.45 21.96
CA LEU C 16 -13.66 4.55 22.24
C LEU C 16 -12.94 3.35 21.63
N ALA C 17 -13.62 2.21 21.61
CA ALA C 17 -13.11 1.04 20.91
C ALA C 17 -13.01 1.32 19.41
N GLU C 18 -13.98 2.09 18.91
CA GLU C 18 -14.01 2.48 17.49
C GLU C 18 -12.91 3.47 17.13
N LYS C 19 -12.70 4.47 17.96
CA LYS C 19 -11.62 5.41 17.70
C LYS C 19 -10.29 4.69 17.84
N ALA C 20 -10.23 3.69 18.73
CA ALA C 20 -9.04 2.87 18.87
C ALA C 20 -8.78 2.07 17.60
N LEU C 21 -9.86 1.63 16.98
CA LEU C 21 -9.78 0.86 15.75
C LEU C 21 -9.20 1.78 14.68
N GLN C 22 -9.68 3.03 14.68
CA GLN C 22 -9.17 4.06 13.78
C GLN C 22 -7.69 4.30 14.04
N ALA C 23 -7.28 4.19 15.30
CA ALA C 23 -5.87 4.30 15.67
C ALA C 23 -5.08 3.14 15.07
N VAL C 24 -5.66 1.95 15.06
CA VAL C 24 -5.01 0.77 14.48
C VAL C 24 -4.90 0.88 12.95
N GLU C 25 -5.90 1.50 12.32
CA GLU C 25 -5.85 1.75 10.88
C GLU C 25 -4.78 2.79 10.52
N ILE C 26 -4.78 3.92 11.22
CA ILE C 26 -3.81 5.00 11.01
C ILE C 26 -2.39 4.53 11.31
N ALA C 27 -2.27 3.72 12.36
CA ALA C 27 -1.00 3.12 12.75
C ALA C 27 -0.58 2.06 11.72
N ARG C 28 -1.58 1.44 11.10
CA ARG C 28 -1.33 0.47 10.05
C ARG C 28 -0.76 1.14 8.81
N ASP C 29 -1.29 2.31 8.48
CA ASP C 29 -0.86 3.01 7.29
C ASP C 29 0.47 3.77 7.47
N THR C 30 0.60 4.51 8.57
CA THR C 30 1.77 5.40 8.76
C THR C 30 2.94 4.82 9.58
N GLY C 31 2.76 3.64 10.18
CA GLY C 31 3.78 3.09 11.05
C GLY C 31 3.69 1.58 11.18
N LYS C 32 4.48 1.03 12.10
CA LYS C 32 4.55 -0.43 12.34
C LYS C 32 3.53 -0.92 13.36
N ILE C 33 2.95 -2.09 13.10
CA ILE C 33 2.04 -2.76 14.05
C ILE C 33 2.19 -4.27 13.94
N ARG C 34 1.63 -5.00 14.90
CA ARG C 34 1.62 -6.45 14.86
C ARG C 34 0.20 -6.97 15.13
N LYS C 35 -0.13 -8.19 14.70
CA LYS C 35 -1.54 -8.63 14.71
C LYS C 35 -1.70 -10.15 14.91
N GLY C 36 -2.72 -10.54 15.68
CA GLY C 36 -2.90 -11.93 16.08
C GLY C 36 -2.15 -12.15 17.38
N THR C 37 -2.60 -13.07 18.24
CA THR C 37 -2.02 -13.18 19.60
C THR C 37 -0.51 -13.41 19.64
N ASN C 38 0.03 -14.24 18.74
CA ASN C 38 1.46 -14.55 18.79
C ASN C 38 2.30 -13.28 18.62
N GLU C 39 2.15 -12.62 17.49
CA GLU C 39 2.93 -11.42 17.17
C GLU C 39 2.79 -10.34 18.23
N THR C 40 1.58 -10.22 18.77
CA THR C 40 1.27 -9.13 19.67
C THR C 40 1.81 -9.40 21.10
N THR C 41 1.75 -10.65 21.58
CA THR C 41 2.37 -10.97 22.87
C THR C 41 3.88 -10.88 22.76
N LYS C 42 4.43 -11.33 21.64
CA LYS C 42 5.86 -11.19 21.43
C LYS C 42 6.20 -9.69 21.41
N ALA C 43 5.27 -8.87 20.94
CA ALA C 43 5.49 -7.41 20.95
C ALA C 43 5.49 -6.87 22.37
N VAL C 44 4.67 -7.46 23.23
CA VAL C 44 4.62 -7.08 24.64
C VAL C 44 5.89 -7.49 25.38
N GLU C 45 6.28 -8.75 25.23
CA GLU C 45 7.43 -9.32 25.95
C GLU C 45 8.71 -8.51 25.74
N ARG C 46 8.86 -7.92 24.55
CA ARG C 46 9.98 -7.04 24.28
C ARG C 46 9.56 -5.57 24.45
N GLY C 47 8.32 -5.35 24.86
CA GLY C 47 7.90 -4.02 25.25
C GLY C 47 7.92 -2.97 24.15
N GLN C 48 8.08 -3.42 22.91
CA GLN C 48 8.00 -2.50 21.79
C GLN C 48 6.54 -2.18 21.56
N ALA C 49 5.66 -2.94 22.20
CA ALA C 49 4.23 -2.71 22.07
C ALA C 49 3.87 -1.38 22.71
N LYS C 50 3.45 -0.41 21.91
CA LYS C 50 3.06 0.88 22.46
C LYS C 50 1.54 0.92 22.72
N LEU C 51 0.79 0.00 22.13
CA LEU C 51 -0.61 -0.16 22.56
C LEU C 51 -1.20 -1.54 22.25
N VAL C 52 -2.04 -2.06 23.12
CA VAL C 52 -2.62 -3.38 22.88
C VAL C 52 -4.12 -3.34 22.68
N ILE C 53 -4.56 -3.95 21.58
CA ILE C 53 -5.96 -4.00 21.21
C ILE C 53 -6.46 -5.45 21.22
N ILE C 54 -7.30 -5.78 22.19
CA ILE C 54 -7.88 -7.10 22.36
C ILE C 54 -9.28 -7.07 21.79
N ALA C 55 -9.77 -8.21 21.29
CA ALA C 55 -11.14 -8.29 20.78
C ALA C 55 -12.01 -9.12 21.70
N GLU C 56 -13.25 -8.70 21.89
CA GLU C 56 -14.06 -9.30 22.94
C GLU C 56 -14.68 -10.65 22.56
N ASP C 57 -14.92 -10.91 21.27
CA ASP C 57 -15.48 -12.20 20.90
C ASP C 57 -14.41 -13.26 20.67
N VAL C 58 -14.06 -13.99 21.72
CA VAL C 58 -12.98 -14.98 21.66
C VAL C 58 -13.31 -16.27 22.42
N ASP C 59 -13.43 -17.36 21.65
CA ASP C 59 -13.51 -18.71 22.17
C ASP C 59 -12.47 -19.57 21.46
N PRO C 60 -11.66 -20.34 22.21
CA PRO C 60 -11.57 -20.36 23.67
C PRO C 60 -11.07 -19.05 24.25
N GLU C 61 -11.55 -18.69 25.43
CA GLU C 61 -11.16 -17.44 26.06
C GLU C 61 -9.65 -17.46 26.31
N GLU C 62 -9.17 -18.60 26.81
CA GLU C 62 -7.82 -18.72 27.37
C GLU C 62 -6.70 -18.23 26.45
N ILE C 63 -6.87 -18.38 25.15
CA ILE C 63 -5.85 -18.03 24.18
C ILE C 63 -5.48 -16.55 24.24
N VAL C 64 -6.43 -15.71 24.62
CA VAL C 64 -6.15 -14.30 24.78
C VAL C 64 -5.93 -13.92 26.26
N ALA C 65 -6.35 -14.81 27.15
CA ALA C 65 -6.42 -14.51 28.58
C ALA C 65 -5.09 -14.08 29.15
N HIS C 66 -4.03 -14.60 28.55
CA HIS C 66 -2.67 -14.39 29.03
C HIS C 66 -2.22 -12.95 28.82
N LEU C 67 -2.84 -12.27 27.87
CA LEU C 67 -2.39 -10.95 27.42
C LEU C 67 -2.60 -9.79 28.40
N PRO C 68 -3.78 -9.68 29.04
CA PRO C 68 -3.91 -8.50 29.93
C PRO C 68 -2.94 -8.40 31.14
N PRO C 69 -2.69 -9.50 31.88
CA PRO C 69 -1.74 -9.33 33.00
C PRO C 69 -0.37 -8.85 32.55
N LEU C 70 0.13 -9.40 31.46
CA LEU C 70 1.40 -8.95 30.89
C LEU C 70 1.34 -7.46 30.55
N CYS C 71 0.19 -6.99 30.03
CA CYS C 71 0.06 -5.55 29.74
C CYS C 71 0.16 -4.75 31.02
N GLU C 72 -0.35 -5.32 32.10
CA GLU C 72 -0.28 -4.67 33.38
C GLU C 72 1.13 -4.86 33.95
N GLU C 73 1.80 -5.94 33.57
CA GLU C 73 3.12 -6.23 34.12
C GLU C 73 4.21 -5.35 33.52
N LYS C 74 4.08 -5.02 32.24
CA LYS C 74 5.05 -4.18 31.57
C LYS C 74 4.58 -2.72 31.49
N GLU C 75 3.41 -2.44 32.09
CA GLU C 75 2.80 -1.10 32.04
C GLU C 75 2.52 -0.70 30.57
N ILE C 76 1.85 -1.58 29.84
CA ILE C 76 1.44 -1.30 28.46
C ILE C 76 -0.09 -1.20 28.37
N PRO C 77 -0.59 -0.08 27.81
CA PRO C 77 -2.04 0.16 27.68
C PRO C 77 -2.74 -0.89 26.82
N TYR C 78 -3.97 -1.23 27.20
CA TYR C 78 -4.75 -2.20 26.45
C TYR C 78 -6.23 -1.83 26.45
N ILE C 79 -6.92 -2.20 25.38
CA ILE C 79 -8.32 -1.84 25.19
C ILE C 79 -9.04 -3.03 24.57
N TYR C 80 -10.36 -3.07 24.70
CA TYR C 80 -11.15 -4.15 24.11
C TYR C 80 -12.05 -3.64 22.99
N VAL C 81 -12.31 -4.50 22.01
CA VAL C 81 -13.14 -4.17 20.88
C VAL C 81 -14.14 -5.30 20.63
N PRO C 82 -15.35 -4.94 20.17
CA PRO C 82 -16.46 -5.90 20.08
C PRO C 82 -16.20 -7.11 19.19
N SER C 83 -15.60 -6.92 18.02
CA SER C 83 -15.48 -8.03 17.08
C SER C 83 -14.07 -8.19 16.55
N LYS C 84 -13.56 -9.40 16.67
CA LYS C 84 -12.23 -9.73 16.18
C LYS C 84 -12.21 -9.58 14.67
N LYS C 85 -13.36 -9.79 14.04
CA LYS C 85 -13.44 -9.65 12.58
C LYS C 85 -13.12 -8.21 12.20
N GLU C 86 -13.77 -7.28 12.88
CA GLU C 86 -13.57 -5.87 12.58
C GLU C 86 -12.12 -5.48 12.93
N LEU C 87 -11.53 -6.14 13.92
CA LEU C 87 -10.15 -5.80 14.29
C LEU C 87 -9.19 -6.33 13.22
N GLY C 88 -9.47 -7.50 12.66
CA GLY C 88 -8.65 -8.03 11.59
C GLY C 88 -8.73 -7.18 10.33
N ALA C 89 -9.95 -6.73 10.03
CA ALA C 89 -10.18 -5.83 8.90
C ALA C 89 -9.53 -4.47 9.10
N ALA C 90 -9.49 -3.99 10.33
CA ALA C 90 -8.80 -2.76 10.64
C ALA C 90 -7.30 -2.98 10.57
N ALA C 91 -6.90 -4.23 10.83
CA ALA C 91 -5.49 -4.59 10.87
C ALA C 91 -4.94 -4.82 9.48
N GLY C 92 -5.82 -4.75 8.47
CA GLY C 92 -5.40 -4.94 7.09
C GLY C 92 -5.13 -6.40 6.80
N ILE C 93 -5.93 -7.29 7.38
CA ILE C 93 -5.88 -8.72 7.03
C ILE C 93 -7.29 -9.30 6.70
N GLU C 94 -7.29 -10.49 6.10
CA GLU C 94 -8.53 -11.16 5.68
C GLU C 94 -9.11 -12.07 6.78
N VAL C 95 -8.46 -12.13 7.92
CA VAL C 95 -8.91 -13.02 8.99
C VAL C 95 -9.20 -12.21 10.25
N ALA C 96 -10.17 -12.67 11.03
CA ALA C 96 -10.41 -12.09 12.32
C ALA C 96 -9.13 -12.24 13.12
N ALA C 97 -8.78 -11.16 13.81
CA ALA C 97 -7.58 -11.12 14.62
C ALA C 97 -8.02 -10.77 16.03
N ALA C 98 -7.80 -11.68 16.96
CA ALA C 98 -8.23 -11.52 18.35
C ALA C 98 -7.49 -10.38 19.04
N SER C 99 -6.25 -10.17 18.65
CA SER C 99 -5.40 -9.19 19.30
C SER C 99 -4.36 -8.57 18.36
N VAL C 100 -4.03 -7.30 18.63
CA VAL C 100 -3.18 -6.49 17.76
C VAL C 100 -2.37 -5.55 18.66
N ALA C 101 -1.21 -5.08 18.19
CA ALA C 101 -0.38 -4.14 18.96
C ALA C 101 0.17 -3.03 18.08
N ILE C 102 0.10 -1.81 18.59
CA ILE C 102 0.78 -0.72 17.92
C ILE C 102 2.21 -0.64 18.44
N ILE C 103 3.14 -0.79 17.50
CA ILE C 103 4.57 -0.67 17.73
C ILE C 103 4.98 0.74 17.44
N GLU C 104 4.81 1.11 16.18
CA GLU C 104 5.10 2.45 15.68
C GLU C 104 3.80 3.12 15.30
N PRO C 105 3.27 3.97 16.18
CA PRO C 105 1.94 4.55 15.94
C PRO C 105 1.88 5.40 14.67
N GLY C 106 2.97 6.08 14.33
CA GLY C 106 2.94 7.03 13.23
C GLY C 106 2.00 8.17 13.57
N LYS C 107 1.23 8.64 12.59
CA LYS C 107 0.33 9.78 12.79
C LYS C 107 -0.71 9.48 13.88
N ALA C 108 -0.83 8.21 14.25
CA ALA C 108 -1.73 7.81 15.32
C ALA C 108 -1.24 8.22 16.71
N ARG C 109 0.01 8.65 16.81
CA ARG C 109 0.70 8.82 18.11
C ARG C 109 -0.15 9.52 19.15
N ASP C 110 -0.45 10.79 18.90
CA ASP C 110 -1.22 11.61 19.83
C ASP C 110 -2.48 10.85 20.22
N LEU C 111 -3.18 10.34 19.20
CA LEU C 111 -4.45 9.67 19.43
C LEU C 111 -4.29 8.53 20.41
N VAL C 112 -3.26 7.70 20.23
CA VAL C 112 -3.18 6.51 21.05
C VAL C 112 -2.99 6.97 22.49
N GLU C 113 -2.18 8.02 22.68
CA GLU C 113 -1.91 8.54 24.00
C GLU C 113 -3.23 8.89 24.67
N GLU C 114 -4.08 9.62 23.94
CA GLU C 114 -5.35 10.06 24.52
C GLU C 114 -6.20 8.85 24.86
N ILE C 115 -6.23 7.86 23.97
CA ILE C 115 -7.10 6.73 24.23
C ILE C 115 -6.45 5.93 25.35
N ALA C 116 -5.12 5.98 25.42
CA ALA C 116 -4.43 5.29 26.50
C ALA C 116 -4.91 5.92 27.81
N MET C 117 -5.09 7.24 27.79
CA MET C 117 -5.50 7.96 28.97
C MET C 117 -6.81 7.43 29.51
N LYS C 118 -7.70 7.00 28.62
CA LYS C 118 -9.00 6.56 29.11
C LYS C 118 -8.84 5.32 29.96
N VAL C 119 -7.96 4.42 29.55
CA VAL C 119 -7.78 3.20 30.31
C VAL C 119 -7.13 3.55 31.64
N ARG C 120 -6.33 4.63 31.64
CA ARG C 120 -5.67 5.08 32.86
C ARG C 120 -6.72 5.33 33.92
N GLU C 121 -7.91 5.73 33.48
CA GLU C 121 -9.00 5.95 34.40
C GLU C 121 -9.75 4.66 34.71
N LEU C 122 -10.06 3.89 33.67
CA LEU C 122 -10.89 2.71 33.85
C LEU C 122 -10.20 1.57 34.58
N MET C 123 -8.88 1.49 34.43
CA MET C 123 -8.11 0.45 35.11
C MET C 123 -8.04 0.77 36.59
N LYS C 124 -8.32 2.05 36.90
CA LYS C 124 -8.34 2.59 38.25
C LYS C 124 -6.99 2.48 38.95
PG GTP D 1 20.52 -31.19 -34.10
O1G GTP D 1 20.49 -32.64 -33.70
O2G GTP D 1 21.50 -31.02 -35.23
O3G GTP D 1 19.15 -30.72 -34.54
O3B GTP D 1 20.99 -30.31 -32.82
PB GTP D 1 20.20 -30.22 -31.38
O1B GTP D 1 21.05 -30.82 -30.30
O2B GTP D 1 19.87 -28.79 -31.07
O3A GTP D 1 18.85 -31.08 -31.55
PA GTP D 1 18.12 -31.79 -30.30
O1A GTP D 1 19.01 -32.83 -29.66
O2A GTP D 1 17.60 -30.81 -29.27
O5' GTP D 1 16.90 -32.54 -31.01
C5' GTP D 1 16.97 -33.94 -31.00
C4' GTP D 1 15.82 -34.59 -31.77
O4' GTP D 1 16.14 -35.99 -31.77
C3' GTP D 1 14.45 -34.42 -31.12
O3' GTP D 1 13.59 -33.67 -31.88
C2' GTP D 1 13.89 -35.81 -31.05
O2' GTP D 1 13.01 -36.03 -32.12
C1' GTP D 1 15.08 -36.73 -31.21
N9 GTP D 1 15.49 -37.06 -29.84
C8 GTP D 1 16.63 -36.70 -29.20
N7 GTP D 1 16.63 -37.22 -27.96
C5 GTP D 1 15.47 -37.91 -27.80
C6 GTP D 1 14.94 -38.64 -26.75
O6 GTP D 1 15.56 -38.74 -25.69
N1 GTP D 1 13.72 -39.25 -26.90
C2 GTP D 1 13.02 -39.14 -28.08
N2 GTP D 1 11.84 -39.73 -28.22
N3 GTP D 1 13.54 -38.43 -29.13
C4 GTP D 1 14.75 -37.81 -28.98
#